data_4MQ7
#
_entry.id   4MQ7
#
_cell.length_a   40.959
_cell.length_b   51.576
_cell.length_c   210.947
_cell.angle_alpha   90.00
_cell.angle_beta   90.00
_cell.angle_gamma   90.00
#
_symmetry.space_group_name_H-M   'P 2 21 21'
#
loop_
_entity.id
_entity.type
_entity.pdbx_description
1 polymer 'Antigen-presenting glycoprotein CD1d, Cd1d1 protein'
2 polymer Beta-2-microglobulin
3 non-polymer 2-acetamido-2-deoxy-beta-D-glucopyranose
4 non-polymer (15Z)-N-((1S,2R,3E)-2-HYDROXY-1-{[(3-O-SULFO-BETA-D-GALACTOPYRANOSYL)OXY]METHYL}HEPTADEC-3-ENYL)TETRACOS-15-ENAMIDE
5 water water
#
loop_
_entity_poly.entity_id
_entity_poly.type
_entity_poly.pdbx_seq_one_letter_code
_entity_poly.pdbx_strand_id
1 'polypeptide(L)'
;ADPVPQRLFPLRCLQISSFANSSWTRTDGLAWLGELQTHSWSNDSDTVRSLKPWSQGTFSDQQWETLQHIFRVYRSSFTR
DVKEFAKMLRLSYPLELQVSAGCEVHPGNASNNFFHVAFQGKDILSFQGTSWEPTQEAPLWVNLAIQVLNQDKWTRETVQ
WLLNGTCPQFVSGLLESGKSELKKQEKPVAWLSSVPSSAHGHRQLVCHVSGFYPKPVWVMWMRGDQEQQGTHRGDFLPNA
DETWYLQATLDVEAGEEAGLACRVKHSSLGGQDIILYWSGR
;
A
2 'polypeptide(L)'
;IQKTPQIQVYSRHPPENGKPNILNCYVTQFHPPHIEIQMLKNGKKIPKVEMSDMSFSKDWSFYILAHTEFTPTETDTYAC
RVKHASMAEPKTVYWDRDM
;
B
#
loop_
_chem_comp.id
_chem_comp.type
_chem_comp.name
_chem_comp.formula
CIS non-polymer (15Z)-N-((1S,2R,3E)-2-HYDROXY-1-{[(3-O-SULFO-BETA-D-GALACTOPYRANOSYL)OXY]METHYL}HEPTADEC-3-ENYL)TETRACOS-15-ENAMIDE 'C48 H91 N O11 S'
NAG D-saccharide, beta linking 2-acetamido-2-deoxy-beta-D-glucopyranose 'C8 H15 N O6'
#
# COMPACT_ATOMS: atom_id res chain seq x y z
N ARG A 7 20.29 -4.49 1.23
CA ARG A 7 19.13 -4.30 0.37
C ARG A 7 18.32 -5.58 0.25
N LEU A 8 17.28 -5.70 1.06
CA LEU A 8 16.43 -6.89 1.06
C LEU A 8 15.20 -6.69 0.18
N PHE A 9 14.84 -7.75 -0.55
CA PHE A 9 13.66 -7.71 -1.42
C PHE A 9 12.77 -8.93 -1.19
N PRO A 10 12.00 -8.92 -0.11
CA PRO A 10 11.12 -10.05 0.23
C PRO A 10 9.90 -10.10 -0.68
N LEU A 11 9.42 -11.31 -0.95
CA LEU A 11 8.22 -11.49 -1.76
C LEU A 11 6.99 -11.65 -0.87
N ARG A 12 6.07 -10.70 -0.96
CA ARG A 12 4.85 -10.73 -0.16
C ARG A 12 3.63 -11.03 -1.02
N CYS A 13 3.08 -12.23 -0.85
CA CYS A 13 1.86 -12.61 -1.54
C CYS A 13 0.64 -12.30 -0.67
N LEU A 14 -0.18 -11.36 -1.11
CA LEU A 14 -1.29 -10.88 -0.31
C LEU A 14 -2.64 -11.32 -0.87
N GLN A 15 -3.53 -11.76 0.02
CA GLN A 15 -4.88 -12.18 -0.37
C GLN A 15 -5.93 -11.47 0.47
N ILE A 16 -6.94 -10.92 -0.21
CA ILE A 16 -8.04 -10.25 0.48
C ILE A 16 -9.36 -10.93 0.13
N SER A 17 -9.86 -11.74 1.07
CA SER A 17 -11.12 -12.45 0.85
C SER A 17 -12.20 -11.94 1.80
N SER A 18 -13.31 -11.48 1.22
CA SER A 18 -14.41 -10.92 2.00
C SER A 18 -15.72 -11.68 1.77
N PHE A 19 -16.49 -11.86 2.83
CA PHE A 19 -17.76 -12.57 2.76
C PHE A 19 -18.86 -11.75 3.42
N ALA A 20 -19.68 -11.09 2.61
CA ALA A 20 -20.78 -10.29 3.14
C ALA A 20 -21.89 -11.19 3.66
N ASN A 21 -22.38 -12.08 2.80
CA ASN A 21 -23.41 -13.04 3.15
C ASN A 21 -23.06 -14.42 2.61
N SER A 22 -24.02 -15.34 2.66
CA SER A 22 -23.80 -16.68 2.14
C SER A 22 -23.89 -16.70 0.60
N SER A 23 -24.17 -15.54 0.02
CA SER A 23 -24.36 -15.42 -1.42
C SER A 23 -23.27 -14.59 -2.08
N TRP A 24 -22.69 -13.66 -1.33
CA TRP A 24 -21.72 -12.72 -1.88
C TRP A 24 -20.32 -12.93 -1.31
N THR A 25 -19.33 -13.00 -2.20
CA THR A 25 -17.94 -13.18 -1.79
C THR A 25 -16.94 -12.74 -2.87
N ARG A 26 -15.87 -12.09 -2.45
CA ARG A 26 -14.81 -11.67 -3.36
C ARG A 26 -13.44 -12.15 -2.89
N THR A 27 -12.54 -12.38 -3.84
CA THR A 27 -11.15 -12.72 -3.52
C THR A 27 -10.20 -12.02 -4.48
N ASP A 28 -9.45 -11.07 -3.96
CA ASP A 28 -8.46 -10.35 -4.77
C ASP A 28 -7.06 -10.53 -4.20
N GLY A 29 -6.08 -10.66 -5.07
CA GLY A 29 -4.71 -10.89 -4.64
C GLY A 29 -3.69 -10.05 -5.37
N LEU A 30 -2.48 -10.03 -4.83
CA LEU A 30 -1.36 -9.28 -5.42
C LEU A 30 -0.04 -9.71 -4.79
N ALA A 31 1.06 -9.38 -5.46
CA ALA A 31 2.39 -9.77 -4.97
C ALA A 31 3.36 -8.58 -4.97
N TRP A 32 4.10 -8.44 -3.88
CA TRP A 32 5.08 -7.37 -3.76
C TRP A 32 6.50 -7.93 -3.69
N LEU A 33 7.37 -7.42 -4.55
CA LEU A 33 8.80 -7.72 -4.46
C LEU A 33 9.53 -6.45 -4.01
N GLY A 34 9.73 -6.34 -2.69
CA GLY A 34 10.29 -5.13 -2.12
C GLY A 34 9.21 -4.07 -1.97
N GLU A 35 9.19 -3.12 -2.90
CA GLU A 35 8.17 -2.07 -2.89
C GLU A 35 7.42 -2.04 -4.23
N LEU A 36 7.86 -2.86 -5.16
CA LEU A 36 7.24 -2.92 -6.48
C LEU A 36 6.20 -4.04 -6.57
N GLN A 37 5.00 -3.71 -7.01
CA GLN A 37 3.96 -4.71 -7.20
C GLN A 37 4.24 -5.49 -8.49
N THR A 38 4.37 -6.80 -8.36
CA THR A 38 4.77 -7.64 -9.49
C THR A 38 3.59 -8.36 -10.14
N HIS A 39 2.59 -8.71 -9.34
CA HIS A 39 1.43 -9.45 -9.85
C HIS A 39 0.11 -8.89 -9.37
N SER A 40 -0.93 -9.06 -10.19
CA SER A 40 -2.27 -8.62 -9.83
C SER A 40 -3.26 -9.76 -10.07
N TRP A 41 -3.96 -10.17 -9.02
CA TRP A 41 -4.92 -11.26 -9.12
C TRP A 41 -6.34 -10.79 -8.86
N SER A 42 -7.02 -10.35 -9.92
CA SER A 42 -8.39 -9.87 -9.80
C SER A 42 -9.37 -11.03 -9.62
N ASN A 43 -10.43 -10.79 -8.86
CA ASN A 43 -11.45 -11.80 -8.61
C ASN A 43 -12.21 -12.16 -9.89
N ASP A 44 -12.32 -11.19 -10.79
CA ASP A 44 -13.09 -11.36 -12.02
C ASP A 44 -12.34 -12.16 -13.07
N SER A 45 -11.05 -12.39 -12.83
CA SER A 45 -10.21 -13.08 -13.80
C SER A 45 -9.84 -14.49 -13.34
N ASP A 46 -9.69 -15.40 -14.30
CA ASP A 46 -9.27 -16.77 -14.00
C ASP A 46 -7.75 -16.86 -14.05
N THR A 47 -7.12 -15.73 -14.36
CA THR A 47 -5.67 -15.68 -14.56
C THR A 47 -5.00 -14.66 -13.66
N VAL A 48 -3.89 -15.06 -13.04
CA VAL A 48 -3.05 -14.12 -12.30
C VAL A 48 -2.29 -13.27 -13.30
N ARG A 49 -2.54 -11.97 -13.30
CA ARG A 49 -1.94 -11.07 -14.27
C ARG A 49 -0.55 -10.61 -13.86
N SER A 50 0.37 -10.60 -14.81
CA SER A 50 1.72 -10.09 -14.59
C SER A 50 1.76 -8.60 -14.92
N LEU A 51 2.46 -7.84 -14.08
CA LEU A 51 2.50 -6.39 -14.24
C LEU A 51 3.81 -5.90 -14.86
N LYS A 52 4.81 -6.79 -14.90
CA LYS A 52 6.12 -6.42 -15.42
C LYS A 52 6.69 -7.52 -16.33
N PRO A 53 7.53 -7.13 -17.30
CA PRO A 53 8.15 -8.06 -18.25
C PRO A 53 8.96 -9.17 -17.59
N TRP A 54 9.36 -8.97 -16.35
CA TRP A 54 10.17 -9.96 -15.64
C TRP A 54 9.41 -10.61 -14.47
N SER A 55 8.08 -10.56 -14.53
CA SER A 55 7.26 -11.10 -13.45
C SER A 55 7.32 -12.62 -13.35
N GLN A 56 7.68 -13.28 -14.45
CA GLN A 56 7.80 -14.73 -14.45
C GLN A 56 9.16 -15.19 -13.94
N GLY A 57 10.15 -14.31 -14.04
CA GLY A 57 11.50 -14.61 -13.59
C GLY A 57 12.16 -15.70 -14.42
N THR A 58 12.83 -16.63 -13.76
CA THR A 58 13.49 -17.74 -14.42
C THR A 58 12.48 -18.77 -14.91
N PHE A 59 11.37 -18.87 -14.18
CA PHE A 59 10.29 -19.82 -14.49
C PHE A 59 9.85 -19.76 -15.94
N SER A 60 9.86 -20.91 -16.60
CA SER A 60 9.35 -21.02 -17.96
C SER A 60 7.83 -20.87 -17.95
N ASP A 61 7.24 -20.81 -19.14
CA ASP A 61 5.79 -20.66 -19.25
C ASP A 61 5.06 -21.89 -18.76
N GLN A 62 5.72 -23.04 -18.84
CA GLN A 62 5.13 -24.30 -18.38
C GLN A 62 5.18 -24.44 -16.87
N GLN A 63 6.26 -23.96 -16.25
CA GLN A 63 6.35 -23.93 -14.80
C GLN A 63 5.33 -22.96 -14.24
N TRP A 64 5.06 -21.90 -14.99
CA TRP A 64 4.18 -20.83 -14.53
C TRP A 64 2.70 -21.22 -14.60
N GLU A 65 2.33 -22.02 -15.60
CA GLU A 65 0.94 -22.44 -15.74
C GLU A 65 0.58 -23.49 -14.70
N THR A 66 1.59 -24.20 -14.20
CA THR A 66 1.40 -25.16 -13.12
C THR A 66 0.91 -24.43 -11.87
N LEU A 67 1.63 -23.37 -11.51
CA LEU A 67 1.24 -22.54 -10.37
C LEU A 67 -0.07 -21.83 -10.65
N GLN A 68 -0.33 -21.56 -11.93
CA GLN A 68 -1.54 -20.85 -12.34
C GLN A 68 -2.80 -21.65 -12.03
N HIS A 69 -2.75 -22.94 -12.33
CA HIS A 69 -3.90 -23.82 -12.08
C HIS A 69 -4.07 -24.09 -10.60
N ILE A 70 -2.95 -24.20 -9.89
CA ILE A 70 -2.96 -24.42 -8.44
C ILE A 70 -3.68 -23.29 -7.73
N PHE A 71 -3.36 -22.05 -8.10
CA PHE A 71 -3.99 -20.87 -7.52
C PHE A 71 -5.47 -20.79 -7.87
N ARG A 72 -5.82 -21.23 -9.08
CA ARG A 72 -7.20 -21.20 -9.53
C ARG A 72 -8.05 -22.19 -8.73
N VAL A 73 -7.47 -23.34 -8.42
CA VAL A 73 -8.13 -24.35 -7.60
C VAL A 73 -8.22 -23.87 -6.16
N TYR A 74 -7.12 -23.30 -5.67
CA TYR A 74 -7.04 -22.79 -4.30
C TYR A 74 -8.14 -21.76 -4.00
N ARG A 75 -8.36 -20.85 -4.93
CA ARG A 75 -9.33 -19.77 -4.73
C ARG A 75 -10.75 -20.30 -4.56
N SER A 76 -11.13 -21.27 -5.40
CA SER A 76 -12.45 -21.87 -5.33
C SER A 76 -12.58 -22.74 -4.08
N SER A 77 -11.49 -23.41 -3.72
CA SER A 77 -11.48 -24.29 -2.55
C SER A 77 -11.44 -23.49 -1.25
N PHE A 78 -10.70 -22.38 -1.26
CA PHE A 78 -10.62 -21.52 -0.08
C PHE A 78 -12.00 -20.97 0.25
N THR A 79 -12.71 -20.52 -0.78
CA THR A 79 -14.04 -19.95 -0.60
C THR A 79 -15.01 -20.98 -0.03
N ARG A 80 -14.93 -22.21 -0.53
CA ARG A 80 -15.78 -23.29 -0.06
C ARG A 80 -15.52 -23.63 1.41
N ASP A 81 -14.25 -23.75 1.77
CA ASP A 81 -13.86 -24.14 3.12
C ASP A 81 -14.27 -23.12 4.17
N VAL A 82 -14.17 -21.83 3.82
CA VAL A 82 -14.54 -20.77 4.75
C VAL A 82 -16.03 -20.78 5.05
N LYS A 83 -16.84 -20.99 4.00
CA LYS A 83 -18.28 -21.10 4.16
C LYS A 83 -18.63 -22.34 4.99
N GLU A 84 -17.84 -23.39 4.83
CA GLU A 84 -18.01 -24.61 5.61
C GLU A 84 -17.62 -24.37 7.06
N PHE A 85 -16.53 -23.65 7.27
CA PHE A 85 -16.05 -23.32 8.62
C PHE A 85 -17.00 -22.34 9.32
N ALA A 86 -17.76 -21.59 8.54
CA ALA A 86 -18.72 -20.64 9.09
C ALA A 86 -19.91 -21.37 9.68
N LYS A 87 -20.41 -22.36 8.94
CA LYS A 87 -21.55 -23.16 9.40
C LYS A 87 -21.13 -24.09 10.53
N MET A 88 -19.89 -24.56 10.48
CA MET A 88 -19.36 -25.50 11.46
C MET A 88 -19.08 -24.84 12.81
N LEU A 89 -18.28 -23.78 12.79
CA LEU A 89 -17.85 -23.11 14.01
C LEU A 89 -18.88 -22.10 14.51
N ARG A 90 -20.04 -22.07 13.85
CA ARG A 90 -21.13 -21.16 14.21
C ARG A 90 -20.68 -19.70 14.22
N LEU A 91 -19.95 -19.30 13.18
CA LEU A 91 -19.47 -17.93 13.06
C LEU A 91 -20.38 -17.11 12.16
N SER A 92 -20.72 -15.90 12.62
CA SER A 92 -21.65 -15.04 11.89
C SER A 92 -20.98 -14.23 10.79
N TYR A 93 -21.68 -14.08 9.67
CA TYR A 93 -21.28 -13.16 8.62
C TYR A 93 -21.51 -11.74 9.15
N PRO A 94 -20.76 -10.75 8.64
CA PRO A 94 -19.77 -10.83 7.56
C PRO A 94 -18.43 -11.41 7.99
N LEU A 95 -17.69 -11.96 7.04
CA LEU A 95 -16.38 -12.55 7.31
C LEU A 95 -15.30 -11.80 6.53
N GLU A 96 -14.20 -11.49 7.20
CA GLU A 96 -13.06 -10.85 6.55
C GLU A 96 -11.80 -11.66 6.79
N LEU A 97 -11.21 -12.18 5.71
CA LEU A 97 -9.99 -12.95 5.80
C LEU A 97 -8.88 -12.35 4.95
N GLN A 98 -7.68 -12.33 5.51
CA GLN A 98 -6.51 -11.82 4.81
C GLN A 98 -5.37 -12.83 4.93
N VAL A 99 -4.65 -13.05 3.84
CA VAL A 99 -3.55 -14.00 3.83
C VAL A 99 -2.25 -13.35 3.40
N SER A 100 -1.20 -13.54 4.20
CA SER A 100 0.12 -13.01 3.87
C SER A 100 1.14 -14.14 3.80
N ALA A 101 1.59 -14.44 2.59
CA ALA A 101 2.55 -15.53 2.37
C ALA A 101 3.70 -15.11 1.47
N GLY A 102 4.74 -15.93 1.42
CA GLY A 102 5.90 -15.65 0.59
C GLY A 102 7.20 -16.00 1.28
N CYS A 103 8.31 -15.49 0.75
CA CYS A 103 9.62 -15.77 1.30
C CYS A 103 10.66 -14.75 0.82
N GLU A 104 11.84 -14.80 1.43
CA GLU A 104 12.95 -13.94 1.02
C GLU A 104 14.23 -14.75 0.89
N VAL A 105 14.90 -14.60 -0.25
CA VAL A 105 16.11 -15.36 -0.53
C VAL A 105 17.37 -14.61 -0.10
N HIS A 106 18.23 -15.29 0.65
CA HIS A 106 19.46 -14.69 1.15
C HIS A 106 20.66 -15.20 0.35
N ASN A 112 14.10 -17.78 4.64
CA ASN A 112 12.92 -18.13 5.43
C ASN A 112 11.63 -17.86 4.69
N ASN A 113 10.57 -18.59 5.05
CA ASN A 113 9.26 -18.39 4.46
C ASN A 113 8.20 -18.13 5.53
N PHE A 114 6.99 -17.84 5.10
CA PHE A 114 5.92 -17.52 6.04
C PHE A 114 4.53 -17.69 5.42
N PHE A 115 3.56 -18.00 6.28
CA PHE A 115 2.17 -18.04 5.89
C PHE A 115 1.35 -17.54 7.07
N HIS A 116 0.73 -16.37 6.90
CA HIS A 116 -0.08 -15.80 7.97
C HIS A 116 -1.48 -15.48 7.48
N VAL A 117 -2.49 -15.93 8.22
CA VAL A 117 -3.86 -15.59 7.90
C VAL A 117 -4.47 -14.78 9.04
N ALA A 118 -5.43 -13.93 8.72
CA ALA A 118 -6.05 -13.05 9.71
C ALA A 118 -7.56 -13.02 9.58
N PHE A 119 -8.25 -13.10 10.70
CA PHE A 119 -9.70 -13.05 10.72
C PHE A 119 -10.17 -11.76 11.39
N GLN A 120 -10.91 -10.96 10.63
CA GLN A 120 -11.42 -9.67 11.08
C GLN A 120 -10.30 -8.73 11.55
N GLY A 121 -9.21 -8.72 10.80
CA GLY A 121 -8.10 -7.82 11.07
C GLY A 121 -7.18 -8.28 12.19
N LYS A 122 -7.41 -9.49 12.68
CA LYS A 122 -6.59 -10.04 13.77
C LYS A 122 -6.02 -11.41 13.41
N ASP A 123 -4.77 -11.64 13.81
CA ASP A 123 -4.10 -12.91 13.57
C ASP A 123 -4.82 -14.05 14.28
N ILE A 124 -4.98 -15.18 13.59
CA ILE A 124 -5.64 -16.34 14.17
C ILE A 124 -4.79 -17.60 14.09
N LEU A 125 -4.02 -17.74 13.01
CA LEU A 125 -3.18 -18.92 12.81
C LEU A 125 -2.15 -18.71 11.71
N SER A 126 -1.12 -19.55 11.72
CA SER A 126 -0.06 -19.48 10.70
C SER A 126 0.42 -20.90 10.40
N PHE A 127 1.15 -21.05 9.29
CA PHE A 127 1.69 -22.35 8.92
C PHE A 127 3.13 -22.49 9.42
N GLN A 128 3.33 -23.36 10.40
CA GLN A 128 4.64 -23.57 11.00
C GLN A 128 5.18 -24.96 10.70
N GLY A 129 6.29 -25.02 9.99
CA GLY A 129 6.93 -26.29 9.68
C GLY A 129 6.17 -27.12 8.68
N THR A 130 5.33 -28.03 9.19
CA THR A 130 4.58 -28.94 8.34
C THR A 130 3.08 -28.94 8.68
N SER A 131 2.68 -28.04 9.58
CA SER A 131 1.28 -28.01 10.02
C SER A 131 0.85 -26.60 10.43
N TRP A 132 -0.47 -26.42 10.53
CA TRP A 132 -1.02 -25.14 10.95
C TRP A 132 -1.00 -25.01 12.46
N GLU A 133 -0.61 -23.84 12.95
CA GLU A 133 -0.63 -23.56 14.38
C GLU A 133 -1.35 -22.25 14.67
N PRO A 134 -2.14 -22.21 15.75
CA PRO A 134 -2.84 -20.99 16.14
C PRO A 134 -1.86 -19.97 16.72
N THR A 135 -2.20 -18.69 16.59
CA THR A 135 -1.35 -17.63 17.12
C THR A 135 -1.42 -17.59 18.64
N GLN A 136 -0.45 -16.90 19.25
CA GLN A 136 -0.38 -16.78 20.71
C GLN A 136 -1.67 -16.19 21.25
N GLU A 137 -2.15 -15.15 20.59
CA GLU A 137 -3.45 -14.57 20.91
C GLU A 137 -4.47 -15.05 19.88
N ALA A 138 -5.27 -16.04 20.28
CA ALA A 138 -6.25 -16.63 19.36
C ALA A 138 -7.41 -17.25 20.12
N PRO A 139 -8.65 -17.02 19.65
CA PRO A 139 -9.87 -17.55 20.26
C PRO A 139 -9.89 -19.08 20.31
N LEU A 140 -10.76 -19.63 21.16
CA LEU A 140 -10.79 -21.06 21.41
C LEU A 140 -11.28 -21.88 20.21
N TRP A 141 -12.15 -21.30 19.40
CA TRP A 141 -12.70 -22.01 18.24
C TRP A 141 -11.66 -22.22 17.15
N VAL A 142 -10.57 -21.45 17.22
CA VAL A 142 -9.47 -21.58 16.26
C VAL A 142 -8.83 -22.96 16.34
N ASN A 143 -8.69 -23.46 17.57
CA ASN A 143 -8.11 -24.78 17.80
C ASN A 143 -8.92 -25.90 17.15
N LEU A 144 -10.22 -25.72 17.05
CA LEU A 144 -11.10 -26.69 16.41
C LEU A 144 -10.92 -26.66 14.90
N ALA A 145 -10.64 -25.47 14.37
CA ALA A 145 -10.41 -25.31 12.94
C ALA A 145 -9.06 -25.88 12.54
N ILE A 146 -8.07 -25.71 13.42
CA ILE A 146 -6.73 -26.24 13.21
C ILE A 146 -6.77 -27.77 13.10
N GLN A 147 -7.61 -28.39 13.92
CA GLN A 147 -7.73 -29.84 13.95
C GLN A 147 -8.27 -30.39 12.63
N VAL A 148 -9.13 -29.62 11.98
CA VAL A 148 -9.69 -29.99 10.69
C VAL A 148 -8.68 -29.74 9.57
N LEU A 149 -8.04 -28.58 9.62
CA LEU A 149 -7.04 -28.21 8.63
C LEU A 149 -5.87 -29.18 8.61
N ASN A 150 -5.48 -29.66 9.79
CA ASN A 150 -4.34 -30.56 9.92
C ASN A 150 -4.63 -31.99 9.46
N GLN A 151 -5.90 -32.31 9.26
CA GLN A 151 -6.29 -33.61 8.73
C GLN A 151 -6.11 -33.64 7.22
N ASP A 152 -6.10 -32.47 6.60
CA ASP A 152 -5.87 -32.35 5.17
C ASP A 152 -4.37 -32.53 4.90
N LYS A 153 -3.98 -33.75 4.58
CA LYS A 153 -2.57 -34.08 4.38
C LYS A 153 -2.02 -33.52 3.07
N TRP A 154 -2.87 -33.48 2.05
CA TRP A 154 -2.44 -33.03 0.72
C TRP A 154 -2.16 -31.53 0.70
N THR A 155 -3.00 -30.75 1.37
CA THR A 155 -2.83 -29.31 1.45
C THR A 155 -1.57 -28.95 2.24
N ARG A 156 -1.35 -29.66 3.34
CA ARG A 156 -0.18 -29.44 4.18
C ARG A 156 1.11 -29.78 3.46
N GLU A 157 1.03 -30.69 2.49
CA GLU A 157 2.19 -31.05 1.68
C GLU A 157 2.40 -30.08 0.54
N THR A 158 1.31 -29.55 -0.01
CA THR A 158 1.38 -28.60 -1.10
C THR A 158 1.92 -27.25 -0.63
N VAL A 159 1.40 -26.76 0.49
CA VAL A 159 1.86 -25.52 1.08
C VAL A 159 3.34 -25.59 1.43
N GLN A 160 3.73 -26.72 2.02
CA GLN A 160 5.13 -26.95 2.39
C GLN A 160 6.01 -27.02 1.13
N TRP A 161 5.42 -27.48 0.03
CA TRP A 161 6.14 -27.59 -1.23
C TRP A 161 6.24 -26.25 -1.94
N LEU A 162 5.25 -25.38 -1.73
CA LEU A 162 5.24 -24.06 -2.34
C LEU A 162 6.18 -23.10 -1.62
N LEU A 163 6.15 -23.13 -0.29
CA LEU A 163 6.94 -22.21 0.53
C LEU A 163 8.43 -22.54 0.53
N ASN A 164 8.77 -23.82 0.58
CA ASN A 164 10.16 -24.25 0.67
C ASN A 164 10.77 -24.66 -0.67
N GLY A 165 9.92 -25.02 -1.62
CA GLY A 165 10.40 -25.51 -2.90
C GLY A 165 10.20 -24.53 -4.06
N THR A 166 8.95 -24.11 -4.25
CA THR A 166 8.62 -23.24 -5.39
C THR A 166 9.03 -21.79 -5.16
N CYS A 167 8.66 -21.25 -3.99
CA CYS A 167 8.92 -19.85 -3.68
C CYS A 167 10.39 -19.41 -3.70
N PRO A 168 11.30 -20.15 -3.02
CA PRO A 168 12.69 -19.70 -3.01
C PRO A 168 13.33 -19.66 -4.39
N GLN A 169 12.92 -20.58 -5.26
CA GLN A 169 13.45 -20.62 -6.62
C GLN A 169 12.81 -19.53 -7.48
N PHE A 170 11.60 -19.12 -7.11
CA PHE A 170 10.87 -18.11 -7.86
C PHE A 170 11.39 -16.71 -7.55
N VAL A 171 11.65 -16.44 -6.27
CA VAL A 171 12.18 -15.15 -5.85
C VAL A 171 13.59 -14.95 -6.41
N SER A 172 14.38 -16.01 -6.41
CA SER A 172 15.72 -15.99 -6.97
C SER A 172 15.66 -15.69 -8.46
N GLY A 173 14.59 -16.12 -9.11
CA GLY A 173 14.37 -15.85 -10.52
C GLY A 173 13.92 -14.42 -10.77
N LEU A 174 13.24 -13.84 -9.78
CA LEU A 174 12.74 -12.48 -9.90
C LEU A 174 13.84 -11.45 -9.69
N LEU A 175 14.69 -11.68 -8.69
CA LEU A 175 15.75 -10.74 -8.33
C LEU A 175 16.78 -10.59 -9.44
N GLU A 176 17.03 -11.67 -10.17
CA GLU A 176 18.00 -11.65 -11.26
C GLU A 176 17.41 -11.07 -12.53
N SER A 177 16.17 -11.47 -12.83
CA SER A 177 15.51 -11.05 -14.07
C SER A 177 15.04 -9.61 -14.03
N GLY A 178 14.97 -9.04 -12.84
CA GLY A 178 14.51 -7.67 -12.68
C GLY A 178 15.43 -6.81 -11.82
N LYS A 179 16.72 -7.08 -11.89
CA LYS A 179 17.71 -6.34 -11.11
C LYS A 179 17.85 -4.91 -11.60
N SER A 180 17.52 -4.69 -12.87
CA SER A 180 17.66 -3.37 -13.48
C SER A 180 16.61 -2.38 -12.98
N GLU A 181 15.40 -2.88 -12.74
CA GLU A 181 14.31 -2.03 -12.29
C GLU A 181 14.28 -1.89 -10.76
N LEU A 182 14.68 -2.96 -10.08
CA LEU A 182 14.71 -2.95 -8.61
C LEU A 182 15.77 -2.01 -8.07
N LYS A 183 16.89 -1.91 -8.78
CA LYS A 183 18.00 -1.06 -8.34
C LYS A 183 17.98 0.31 -9.03
N LYS A 184 16.85 0.64 -9.64
CA LYS A 184 16.71 1.91 -10.35
C LYS A 184 16.80 3.11 -9.39
N GLN A 185 17.17 4.26 -9.94
CA GLN A 185 17.29 5.49 -9.16
C GLN A 185 16.52 6.61 -9.82
N GLU A 186 15.55 7.18 -9.11
CA GLU A 186 14.77 8.30 -9.62
C GLU A 186 15.04 9.56 -8.80
N LYS A 187 15.25 10.67 -9.50
CA LYS A 187 15.58 11.93 -8.84
C LYS A 187 14.33 12.66 -8.35
N PRO A 188 14.40 13.16 -7.10
CA PRO A 188 13.28 13.89 -6.49
C PRO A 188 13.17 15.32 -7.02
N VAL A 189 11.96 15.87 -6.93
CA VAL A 189 11.72 17.27 -7.27
C VAL A 189 11.03 17.94 -6.09
N ALA A 190 11.55 19.10 -5.67
CA ALA A 190 11.04 19.76 -4.47
C ALA A 190 10.44 21.13 -4.74
N TRP A 191 9.45 21.51 -3.94
CA TRP A 191 8.86 22.84 -4.00
C TRP A 191 8.31 23.26 -2.64
N LEU A 192 8.07 24.55 -2.47
CA LEU A 192 7.66 25.09 -1.17
C LEU A 192 6.24 25.66 -1.17
N SER A 193 5.60 25.62 -0.01
CA SER A 193 4.28 26.22 0.18
C SER A 193 4.10 26.59 1.65
N SER A 194 3.01 27.29 1.95
CA SER A 194 2.77 27.72 3.33
C SER A 194 1.28 27.87 3.65
N VAL A 195 0.79 27.00 4.53
CA VAL A 195 -0.57 27.09 5.04
C VAL A 195 -0.57 27.78 6.41
N PRO A 196 -1.65 28.50 6.73
CA PRO A 196 -1.73 29.20 8.02
C PRO A 196 -1.69 28.23 9.20
N SER A 197 -1.00 28.61 10.26
CA SER A 197 -0.89 27.77 11.44
C SER A 197 -2.09 27.93 12.37
N SER A 198 -2.22 27.00 13.32
CA SER A 198 -3.33 27.04 14.27
C SER A 198 -3.19 28.22 15.21
N ALA A 199 -1.96 28.56 15.55
CA ALA A 199 -1.69 29.68 16.44
C ALA A 199 -1.55 30.98 15.67
N HIS A 200 -1.97 32.08 16.29
CA HIS A 200 -1.85 33.39 15.67
C HIS A 200 -0.40 33.87 15.68
N GLY A 201 0.01 34.52 14.60
CA GLY A 201 1.38 35.01 14.49
C GLY A 201 2.35 33.92 14.04
N HIS A 202 1.80 32.75 13.72
CA HIS A 202 2.61 31.64 13.24
C HIS A 202 2.17 31.15 11.86
N ARG A 203 3.12 30.60 11.12
CA ARG A 203 2.85 30.08 9.79
C ARG A 203 3.55 28.73 9.62
N GLN A 204 2.94 27.81 8.88
CA GLN A 204 3.54 26.50 8.65
C GLN A 204 4.12 26.39 7.25
N LEU A 205 5.44 26.33 7.16
CA LEU A 205 6.12 26.15 5.88
C LEU A 205 6.18 24.68 5.51
N VAL A 206 5.87 24.37 4.26
CA VAL A 206 5.86 22.98 3.80
C VAL A 206 6.87 22.75 2.67
N CYS A 207 7.75 21.77 2.85
CA CYS A 207 8.70 21.40 1.82
C CYS A 207 8.32 20.05 1.21
N HIS A 208 7.75 20.09 0.02
CA HIS A 208 7.33 18.87 -0.67
C HIS A 208 8.50 18.22 -1.39
N VAL A 209 8.60 16.89 -1.31
CA VAL A 209 9.61 16.15 -2.04
C VAL A 209 8.95 14.96 -2.73
N SER A 210 8.97 14.97 -4.07
CA SER A 210 8.25 13.96 -4.83
C SER A 210 9.04 13.39 -6.00
N GLY A 211 8.80 12.11 -6.30
CA GLY A 211 9.38 11.47 -7.46
C GLY A 211 10.67 10.73 -7.21
N PHE A 212 11.03 10.54 -5.95
CA PHE A 212 12.30 9.89 -5.61
C PHE A 212 12.18 8.39 -5.43
N TYR A 213 13.27 7.69 -5.73
CA TYR A 213 13.36 6.25 -5.57
C TYR A 213 14.85 5.86 -5.55
N PRO A 214 15.25 4.97 -4.65
CA PRO A 214 14.41 4.24 -3.68
C PRO A 214 13.99 5.05 -2.45
N LYS A 215 13.27 4.38 -1.55
CA LYS A 215 12.61 5.01 -0.40
C LYS A 215 13.45 5.93 0.49
N PRO A 216 14.69 5.54 0.85
CA PRO A 216 15.47 6.42 1.74
C PRO A 216 15.71 7.83 1.16
N VAL A 217 15.45 8.85 1.97
CA VAL A 217 15.64 10.24 1.57
C VAL A 217 15.82 11.11 2.82
N TRP A 218 16.47 12.26 2.66
CA TRP A 218 16.74 13.15 3.78
C TRP A 218 16.22 14.56 3.53
N VAL A 219 15.28 14.99 4.37
CA VAL A 219 14.71 16.34 4.24
C VAL A 219 14.76 17.05 5.59
N MET A 220 15.27 18.28 5.59
CA MET A 220 15.40 19.05 6.82
C MET A 220 15.41 20.56 6.56
N TRP A 221 14.63 21.29 7.35
CA TRP A 221 14.63 22.75 7.25
C TRP A 221 15.89 23.33 7.91
N MET A 222 16.48 24.33 7.26
CA MET A 222 17.77 24.84 7.71
C MET A 222 17.80 26.35 7.89
N ARG A 223 18.53 26.77 8.92
CA ARG A 223 19.04 28.13 9.00
C ARG A 223 20.56 28.06 9.03
N GLY A 224 21.18 28.71 8.05
CA GLY A 224 22.62 28.61 7.87
C GLY A 224 23.04 27.16 7.78
N ASP A 225 23.84 26.73 8.75
CA ASP A 225 24.24 25.34 8.84
C ASP A 225 23.45 24.64 9.94
N GLN A 226 22.60 25.38 10.64
CA GLN A 226 21.87 24.85 11.78
C GLN A 226 20.57 24.13 11.37
N GLU A 227 20.48 22.85 11.68
CA GLU A 227 19.27 22.09 11.41
C GLU A 227 18.17 22.47 12.39
N GLN A 228 16.97 22.74 11.87
CA GLN A 228 15.84 23.08 12.71
C GLN A 228 15.18 21.82 13.25
N GLN A 229 15.25 21.63 14.57
CA GLN A 229 14.70 20.44 15.20
C GLN A 229 13.17 20.47 15.23
N GLY A 230 12.59 21.61 14.90
CA GLY A 230 11.14 21.75 14.85
C GLY A 230 10.55 21.12 13.60
N THR A 231 11.43 20.65 12.71
CA THR A 231 11.01 20.03 11.47
C THR A 231 10.23 18.74 11.73
N HIS A 232 9.08 18.61 11.08
CA HIS A 232 8.28 17.40 11.22
C HIS A 232 8.23 16.62 9.90
N ARG A 233 8.83 15.45 9.90
CA ARG A 233 8.86 14.59 8.72
C ARG A 233 7.55 13.82 8.60
N GLY A 234 6.98 13.83 7.39
CA GLY A 234 5.72 13.14 7.14
C GLY A 234 5.94 11.68 6.78
N ASP A 235 4.87 11.02 6.34
CA ASP A 235 4.95 9.63 5.92
C ASP A 235 5.30 9.53 4.44
N PHE A 236 5.87 8.39 4.04
CA PHE A 236 6.18 8.15 2.64
C PHE A 236 4.90 7.80 1.88
N LEU A 237 4.44 8.72 1.05
CA LEU A 237 3.23 8.52 0.27
C LEU A 237 3.58 8.12 -1.15
N PRO A 238 2.87 7.11 -1.69
CA PRO A 238 3.18 6.57 -3.01
C PRO A 238 2.63 7.40 -4.16
N ASN A 239 3.32 7.36 -5.30
CA ASN A 239 2.83 7.96 -6.52
C ASN A 239 2.43 6.87 -7.51
N ALA A 240 1.71 7.24 -8.57
CA ALA A 240 1.20 6.27 -9.53
C ALA A 240 2.29 5.71 -10.43
N ASP A 241 3.44 6.37 -10.46
CA ASP A 241 4.54 5.94 -11.32
C ASP A 241 5.60 5.18 -10.52
N GLU A 242 5.17 4.58 -9.41
CA GLU A 242 6.05 3.82 -8.53
C GLU A 242 7.20 4.66 -7.97
N THR A 243 6.92 5.92 -7.67
CA THR A 243 7.86 6.79 -6.98
C THR A 243 7.25 7.25 -5.66
N TRP A 244 8.05 7.88 -4.81
CA TRP A 244 7.59 8.27 -3.48
C TRP A 244 7.39 9.76 -3.32
N TYR A 245 6.49 10.12 -2.41
CA TYR A 245 6.22 11.52 -2.07
C TYR A 245 6.41 11.71 -0.57
N LEU A 246 6.95 12.87 -0.19
CA LEU A 246 7.21 13.18 1.21
C LEU A 246 7.22 14.68 1.43
N GLN A 247 6.69 15.13 2.56
CA GLN A 247 6.73 16.54 2.91
C GLN A 247 7.19 16.78 4.34
N ALA A 248 8.01 17.81 4.53
CA ALA A 248 8.50 18.18 5.84
C ALA A 248 8.03 19.58 6.20
N THR A 249 7.32 19.69 7.33
CA THR A 249 6.74 20.97 7.73
C THR A 249 7.52 21.65 8.84
N LEU A 250 7.28 22.95 9.02
CA LEU A 250 7.93 23.72 10.06
C LEU A 250 7.10 24.95 10.42
N ASP A 251 6.63 25.01 11.67
CA ASP A 251 5.91 26.17 12.16
C ASP A 251 6.87 27.31 12.46
N VAL A 252 6.63 28.47 11.85
CA VAL A 252 7.50 29.62 12.06
C VAL A 252 6.71 30.89 12.36
N GLU A 253 7.30 31.77 13.16
CA GLU A 253 6.67 33.04 13.50
C GLU A 253 6.68 33.98 12.31
N ALA A 254 5.73 34.91 12.28
CA ALA A 254 5.68 35.92 11.23
C ALA A 254 6.81 36.93 11.42
N GLY A 255 7.68 37.02 10.42
CA GLY A 255 8.83 37.91 10.49
C GLY A 255 10.13 37.17 10.70
N GLU A 256 10.03 35.88 11.03
CA GLU A 256 11.20 35.04 11.22
C GLU A 256 11.27 33.96 10.14
N GLU A 257 10.74 34.29 8.97
CA GLU A 257 10.70 33.36 7.84
C GLU A 257 11.94 33.52 6.96
N ALA A 258 12.59 34.67 7.07
CA ALA A 258 13.78 34.96 6.26
C ALA A 258 14.98 34.14 6.71
N GLY A 259 15.73 33.62 5.75
CA GLY A 259 16.92 32.83 6.04
C GLY A 259 16.64 31.35 6.09
N LEU A 260 15.37 30.98 6.00
CA LEU A 260 14.96 29.58 6.06
C LEU A 260 15.13 28.89 4.71
N ALA A 261 15.67 27.67 4.74
CA ALA A 261 15.88 26.89 3.53
C ALA A 261 15.58 25.42 3.76
N CYS A 262 15.07 24.75 2.73
CA CYS A 262 14.81 23.32 2.81
C CYS A 262 15.85 22.55 2.01
N ARG A 263 16.62 21.71 2.69
CA ARG A 263 17.67 20.94 2.05
C ARG A 263 17.24 19.49 1.85
N VAL A 264 17.41 19.00 0.63
CA VAL A 264 17.03 17.63 0.29
C VAL A 264 18.24 16.83 -0.20
N LYS A 265 18.45 15.66 0.40
CA LYS A 265 19.53 14.77 -0.02
C LYS A 265 18.98 13.40 -0.43
N HIS A 266 19.44 12.92 -1.58
CA HIS A 266 19.00 11.62 -2.07
C HIS A 266 20.13 10.93 -2.83
N SER A 267 20.11 9.60 -2.84
CA SER A 267 21.17 8.81 -3.47
C SER A 267 21.28 9.05 -4.97
N SER A 268 20.16 9.39 -5.60
CA SER A 268 20.11 9.57 -7.04
C SER A 268 20.79 10.86 -7.49
N LEU A 269 21.01 11.77 -6.56
CA LEU A 269 21.57 13.08 -6.88
C LEU A 269 23.10 13.08 -6.93
N GLY A 270 23.71 12.03 -6.38
CA GLY A 270 25.15 11.86 -6.44
C GLY A 270 25.94 12.88 -5.65
N GLY A 271 25.48 13.18 -4.44
CA GLY A 271 26.18 14.10 -3.57
C GLY A 271 25.82 15.55 -3.82
N GLN A 272 24.78 15.78 -4.62
CA GLN A 272 24.33 17.13 -4.93
C GLN A 272 23.04 17.45 -4.18
N ASP A 273 23.13 18.41 -3.26
CA ASP A 273 21.97 18.78 -2.44
C ASP A 273 20.97 19.62 -3.22
N ILE A 274 19.69 19.47 -2.87
CA ILE A 274 18.66 20.36 -3.40
C ILE A 274 18.32 21.40 -2.33
N ILE A 275 18.57 22.66 -2.65
CA ILE A 275 18.36 23.75 -1.69
C ILE A 275 17.27 24.69 -2.16
N LEU A 276 16.31 24.96 -1.28
CA LEU A 276 15.21 25.88 -1.59
C LEU A 276 15.00 26.90 -0.48
N TYR A 277 15.53 28.11 -0.67
CA TYR A 277 15.34 29.19 0.29
C TYR A 277 13.91 29.70 0.21
N TRP A 278 13.38 30.13 1.35
CA TRP A 278 12.00 30.61 1.43
C TRP A 278 11.85 32.00 0.84
N SER A 279 10.74 32.23 0.13
CA SER A 279 10.46 33.50 -0.52
C SER A 279 11.57 33.94 -1.48
N ILE B 1 -12.78 -5.26 14.84
CA ILE B 1 -13.43 -3.96 14.95
C ILE B 1 -13.22 -3.12 13.69
N GLN B 2 -13.92 -1.99 13.61
CA GLN B 2 -13.81 -1.11 12.46
C GLN B 2 -12.75 -0.04 12.67
N LYS B 3 -12.07 0.34 11.59
CA LYS B 3 -11.03 1.35 11.65
C LYS B 3 -11.31 2.50 10.69
N THR B 4 -11.18 3.73 11.18
CA THR B 4 -11.47 4.92 10.40
C THR B 4 -10.39 5.22 9.37
N PRO B 5 -10.78 5.40 8.10
CA PRO B 5 -9.84 5.69 7.02
C PRO B 5 -9.20 7.07 7.14
N GLN B 6 -7.87 7.11 7.00
CA GLN B 6 -7.14 8.37 6.97
C GLN B 6 -6.93 8.80 5.52
N ILE B 7 -7.16 10.07 5.24
CA ILE B 7 -7.12 10.57 3.87
C ILE B 7 -6.01 11.60 3.66
N GLN B 8 -5.23 11.41 2.60
CA GLN B 8 -4.15 12.35 2.28
C GLN B 8 -4.17 12.71 0.80
N VAL B 9 -4.22 14.02 0.53
CA VAL B 9 -4.30 14.52 -0.84
C VAL B 9 -3.03 15.29 -1.21
N TYR B 10 -2.43 14.94 -2.34
CA TYR B 10 -1.17 15.54 -2.76
C TYR B 10 -0.95 15.41 -4.27
N SER B 11 -0.19 16.34 -4.83
CA SER B 11 0.07 16.34 -6.27
C SER B 11 1.41 15.68 -6.59
N ARG B 12 1.51 15.14 -7.80
CA ARG B 12 2.73 14.47 -8.25
C ARG B 12 3.84 15.47 -8.56
N HIS B 13 3.48 16.56 -9.23
CA HIS B 13 4.45 17.57 -9.65
C HIS B 13 4.16 18.89 -8.94
N PRO B 14 5.13 19.83 -8.97
CA PRO B 14 4.88 21.17 -8.43
C PRO B 14 3.66 21.81 -9.09
N PRO B 15 2.67 22.22 -8.29
CA PRO B 15 1.43 22.80 -8.81
C PRO B 15 1.66 24.14 -9.51
N GLU B 16 1.24 24.21 -10.76
CA GLU B 16 1.37 25.43 -11.54
C GLU B 16 0.11 25.64 -12.38
N ASN B 17 -0.51 26.81 -12.22
CA ASN B 17 -1.76 27.12 -12.90
C ASN B 17 -1.66 27.03 -14.43
N GLY B 18 -2.58 26.28 -15.03
CA GLY B 18 -2.61 26.12 -16.47
C GLY B 18 -1.77 24.93 -16.93
N LYS B 19 -1.00 24.37 -16.01
CA LYS B 19 -0.12 23.25 -16.32
C LYS B 19 -0.70 21.93 -15.82
N PRO B 20 -0.80 20.94 -16.71
CA PRO B 20 -1.31 19.60 -16.38
C PRO B 20 -0.50 18.93 -15.27
N ASN B 21 -1.20 18.33 -14.31
CA ASN B 21 -0.56 17.69 -13.17
C ASN B 21 -1.35 16.44 -12.76
N ILE B 22 -0.82 15.73 -11.77
CA ILE B 22 -1.48 14.53 -11.26
C ILE B 22 -1.87 14.70 -9.80
N LEU B 23 -3.14 14.40 -9.50
CA LEU B 23 -3.65 14.47 -8.14
C LEU B 23 -3.83 13.07 -7.54
N ASN B 24 -3.32 12.93 -6.32
CA ASN B 24 -3.28 11.70 -5.59
C ASN B 24 -4.07 11.74 -4.35
N CYS B 25 -4.77 10.65 -4.13
CA CYS B 25 -5.55 10.51 -2.92
C CYS B 25 -5.20 9.18 -2.24
N TYR B 26 -4.53 9.28 -1.09
CA TYR B 26 -4.03 8.09 -0.40
C TYR B 26 -4.87 7.79 0.85
N VAL B 27 -5.63 6.72 0.79
CA VAL B 27 -6.49 6.30 1.90
C VAL B 27 -5.87 5.14 2.66
N THR B 28 -5.74 5.27 3.97
CA THR B 28 -5.09 4.25 4.80
C THR B 28 -5.85 3.95 6.09
N GLN B 29 -5.37 2.92 6.79
CA GLN B 29 -5.85 2.59 8.14
C GLN B 29 -7.35 2.34 8.23
N PHE B 30 -7.93 1.69 7.23
CA PHE B 30 -9.35 1.38 7.24
C PHE B 30 -9.66 -0.12 7.22
N HIS B 31 -10.81 -0.46 7.78
CA HIS B 31 -11.26 -1.85 7.89
C HIS B 31 -12.73 -1.83 8.27
N PRO B 32 -13.58 -2.60 7.55
CA PRO B 32 -13.35 -3.57 6.47
C PRO B 32 -12.84 -2.94 5.17
N PRO B 33 -12.32 -3.76 4.24
CA PRO B 33 -11.75 -3.23 2.99
C PRO B 33 -12.80 -2.65 2.04
N HIS B 34 -14.07 -2.83 2.33
CA HIS B 34 -15.13 -2.29 1.50
C HIS B 34 -15.22 -0.78 1.69
N ILE B 35 -14.95 -0.04 0.62
CA ILE B 35 -14.84 1.41 0.71
C ILE B 35 -15.17 2.07 -0.64
N GLU B 36 -15.68 3.29 -0.58
CA GLU B 36 -16.00 4.05 -1.79
C GLU B 36 -15.19 5.35 -1.82
N ILE B 37 -14.45 5.55 -2.90
CA ILE B 37 -13.58 6.72 -3.03
C ILE B 37 -13.91 7.54 -4.28
N GLN B 38 -14.06 8.85 -4.09
CA GLN B 38 -14.34 9.74 -5.22
C GLN B 38 -13.44 10.98 -5.16
N MET B 39 -12.93 11.39 -6.31
CA MET B 39 -12.16 12.62 -6.42
C MET B 39 -13.01 13.69 -7.09
N LEU B 40 -13.04 14.88 -6.50
CA LEU B 40 -13.98 15.92 -6.94
C LEU B 40 -13.29 17.14 -7.52
N LYS B 41 -13.83 17.63 -8.63
CA LYS B 41 -13.43 18.92 -9.18
C LYS B 41 -14.61 19.88 -9.09
N ASN B 42 -14.44 20.95 -8.33
CA ASN B 42 -15.51 21.92 -8.09
C ASN B 42 -16.78 21.30 -7.50
N GLY B 43 -16.62 20.15 -6.84
CA GLY B 43 -17.74 19.48 -6.22
C GLY B 43 -18.28 18.31 -7.02
N LYS B 44 -17.97 18.27 -8.31
CA LYS B 44 -18.47 17.22 -9.18
C LYS B 44 -17.48 16.06 -9.29
N LYS B 45 -18.01 14.83 -9.35
CA LYS B 45 -17.19 13.63 -9.42
C LYS B 45 -16.40 13.54 -10.73
N ILE B 46 -15.08 13.42 -10.61
CA ILE B 46 -14.21 13.24 -11.76
C ILE B 46 -14.38 11.82 -12.31
N PRO B 47 -14.75 11.71 -13.59
CA PRO B 47 -15.00 10.40 -14.23
C PRO B 47 -13.72 9.60 -14.48
N LYS B 48 -12.66 10.27 -14.90
CA LYS B 48 -11.41 9.59 -15.22
C LYS B 48 -10.54 9.37 -13.99
N VAL B 49 -10.88 8.35 -13.20
CA VAL B 49 -10.13 8.02 -11.99
C VAL B 49 -9.66 6.57 -12.02
N GLU B 50 -8.36 6.38 -11.84
CA GLU B 50 -7.79 5.04 -11.74
C GLU B 50 -7.33 4.76 -10.32
N MET B 51 -7.56 3.52 -9.87
CA MET B 51 -7.16 3.12 -8.52
C MET B 51 -6.30 1.87 -8.56
N SER B 52 -5.25 1.87 -7.75
CA SER B 52 -4.38 0.71 -7.64
C SER B 52 -5.11 -0.42 -6.91
N ASP B 53 -4.55 -1.62 -6.99
CA ASP B 53 -5.11 -2.76 -6.26
C ASP B 53 -5.03 -2.50 -4.77
N MET B 54 -6.09 -2.82 -4.05
CA MET B 54 -6.11 -2.63 -2.60
C MET B 54 -5.14 -3.61 -1.93
N SER B 55 -4.36 -3.10 -0.99
CA SER B 55 -3.35 -3.89 -0.30
C SER B 55 -3.44 -3.64 1.20
N PHE B 56 -2.60 -4.30 1.99
CA PHE B 56 -2.59 -4.07 3.43
C PHE B 56 -1.19 -4.03 4.03
N SER B 57 -1.00 -3.20 5.05
CA SER B 57 0.31 -3.07 5.67
C SER B 57 0.68 -4.29 6.49
N LYS B 58 1.67 -4.11 7.36
CA LYS B 58 2.13 -5.18 8.24
C LYS B 58 1.04 -5.43 9.28
N ASP B 59 0.53 -4.35 9.85
CA ASP B 59 -0.66 -4.47 10.67
C ASP B 59 -1.78 -4.57 9.66
N TRP B 60 -2.76 -5.41 9.94
CA TRP B 60 -3.67 -5.85 8.89
C TRP B 60 -4.56 -4.76 8.28
N SER B 61 -4.28 -3.49 8.55
CA SER B 61 -5.10 -2.42 7.99
C SER B 61 -4.86 -2.20 6.48
N PHE B 62 -5.91 -1.81 5.76
CA PHE B 62 -5.83 -1.67 4.31
C PHE B 62 -5.36 -0.29 3.84
N TYR B 63 -4.88 -0.22 2.61
CA TYR B 63 -4.55 1.04 1.96
C TYR B 63 -4.72 0.95 0.45
N ILE B 64 -5.03 2.09 -0.18
CA ILE B 64 -5.27 2.12 -1.61
C ILE B 64 -5.00 3.52 -2.19
N LEU B 65 -4.37 3.57 -3.36
CA LEU B 65 -4.04 4.84 -4.00
C LEU B 65 -4.98 5.16 -5.15
N ALA B 66 -5.55 6.36 -5.14
CA ALA B 66 -6.33 6.94 -6.21
C ALA B 66 -5.66 8.13 -6.86
N HIS B 67 -5.68 8.17 -8.15
CA HIS B 67 -5.06 9.30 -8.83
C HIS B 67 -5.81 9.66 -10.11
N THR B 68 -5.62 10.90 -10.55
CA THR B 68 -6.27 11.39 -11.77
C THR B 68 -5.53 12.60 -12.33
N GLU B 69 -5.63 12.78 -13.65
CA GLU B 69 -5.04 13.95 -14.30
C GLU B 69 -5.88 15.18 -13.99
N PHE B 70 -5.21 16.27 -13.64
CA PHE B 70 -5.91 17.52 -13.35
C PHE B 70 -5.05 18.73 -13.69
N THR B 71 -5.70 19.80 -14.14
CA THR B 71 -5.01 21.05 -14.42
C THR B 71 -5.50 22.12 -13.45
N PRO B 72 -4.70 22.39 -12.40
CA PRO B 72 -5.08 23.33 -11.35
C PRO B 72 -5.15 24.77 -11.85
N THR B 73 -6.17 25.49 -11.40
CA THR B 73 -6.29 26.92 -11.70
C THR B 73 -6.59 27.69 -10.43
N GLU B 74 -6.77 29.00 -10.56
CA GLU B 74 -7.01 29.86 -9.41
C GLU B 74 -8.38 29.60 -8.79
N THR B 75 -9.38 29.36 -9.63
CA THR B 75 -10.76 29.25 -9.17
C THR B 75 -11.20 27.82 -8.88
N ASP B 76 -10.56 26.85 -9.53
CA ASP B 76 -10.94 25.44 -9.37
C ASP B 76 -10.50 24.89 -8.01
N THR B 77 -11.34 24.01 -7.46
CA THR B 77 -11.02 23.32 -6.22
C THR B 77 -11.02 21.81 -6.44
N TYR B 78 -10.19 21.10 -5.69
CA TYR B 78 -10.10 19.65 -5.82
C TYR B 78 -10.13 18.97 -4.46
N ALA B 79 -10.91 17.89 -4.36
CA ALA B 79 -11.04 17.18 -3.09
C ALA B 79 -11.26 15.68 -3.30
N CYS B 80 -10.97 14.90 -2.26
CA CYS B 80 -11.20 13.47 -2.28
C CYS B 80 -12.23 13.11 -1.22
N ARG B 81 -13.30 12.43 -1.63
CA ARG B 81 -14.36 12.06 -0.72
C ARG B 81 -14.39 10.55 -0.50
N VAL B 82 -14.56 10.13 0.75
CA VAL B 82 -14.51 8.72 1.11
C VAL B 82 -15.72 8.28 1.92
N LYS B 83 -16.37 7.22 1.48
CA LYS B 83 -17.49 6.63 2.21
C LYS B 83 -17.11 5.26 2.77
N HIS B 84 -17.12 5.15 4.09
CA HIS B 84 -16.76 3.91 4.77
C HIS B 84 -17.75 3.60 5.89
N ALA B 85 -17.86 2.32 6.24
CA ALA B 85 -18.82 1.88 7.24
C ALA B 85 -18.48 2.37 8.65
N SER B 86 -17.23 2.74 8.86
CA SER B 86 -16.78 3.21 10.17
C SER B 86 -17.26 4.61 10.48
N MET B 87 -17.81 5.28 9.47
CA MET B 87 -18.30 6.65 9.64
C MET B 87 -19.74 6.78 9.15
N ALA B 88 -20.53 7.59 9.85
CA ALA B 88 -21.93 7.80 9.48
C ALA B 88 -22.04 8.73 8.28
N GLU B 89 -21.16 9.72 8.21
CA GLU B 89 -21.16 10.67 7.12
C GLU B 89 -19.88 10.54 6.28
N PRO B 90 -19.97 10.84 4.98
CA PRO B 90 -18.80 10.79 4.10
C PRO B 90 -17.76 11.84 4.50
N LYS B 91 -16.49 11.46 4.45
CA LYS B 91 -15.40 12.33 4.85
C LYS B 91 -14.74 12.96 3.64
N THR B 92 -14.67 14.29 3.62
CA THR B 92 -14.12 15.02 2.47
C THR B 92 -12.86 15.80 2.85
N VAL B 93 -11.78 15.56 2.11
CA VAL B 93 -10.52 16.26 2.32
C VAL B 93 -10.13 17.03 1.07
N TYR B 94 -9.98 18.34 1.21
CA TYR B 94 -9.64 19.21 0.07
C TYR B 94 -8.14 19.24 -0.19
N TRP B 95 -7.79 19.53 -1.44
CA TRP B 95 -6.39 19.68 -1.83
C TRP B 95 -5.89 21.07 -1.47
N ASP B 96 -4.94 21.13 -0.54
CA ASP B 96 -4.39 22.40 -0.08
C ASP B 96 -3.20 22.86 -0.91
N ARG B 97 -3.41 23.91 -1.70
CA ARG B 97 -2.31 24.53 -2.43
C ARG B 97 -2.27 26.03 -2.13
N ASP B 98 -1.22 26.69 -2.58
CA ASP B 98 -1.06 28.13 -2.36
C ASP B 98 -0.65 28.84 -3.65
C1 NAG C . -15.58 -13.19 -7.67
C2 NAG C . -17.08 -12.95 -7.89
C3 NAG C . -17.87 -14.20 -7.56
C4 NAG C . -17.33 -15.40 -8.33
C5 NAG C . -15.83 -15.54 -8.10
C6 NAG C . -15.19 -16.63 -8.94
C7 NAG C . -18.31 -10.85 -7.61
C8 NAG C . -18.71 -9.76 -6.65
N2 NAG C . -17.55 -11.81 -7.10
O3 NAG C . -19.24 -14.00 -7.88
O4 NAG C . -17.98 -16.59 -7.91
O5 NAG C . -15.16 -14.31 -8.45
O6 NAG C . -16.17 -17.32 -9.70
O7 NAG C . -18.66 -10.84 -8.79
C17 CIS D . -14.27 -17.96 9.38
C16 CIS D . -13.57 -19.19 8.85
C15 CIS D . -12.08 -19.15 9.18
C14 CIS D . -11.33 -20.26 8.45
C13 CIS D . -10.06 -19.68 7.82
C12 CIS D . -8.98 -20.74 7.72
C11 CIS D . -7.67 -20.12 7.24
C10 CIS D . -6.52 -21.11 7.41
C9 CIS D . -5.62 -21.13 6.18
C8 CIS D . -6.48 -21.25 4.93
C7 CIS D . -5.78 -22.04 3.84
C6 CIS D . -6.59 -23.28 3.50
C5 CIS D . -6.35 -23.67 2.05
C4 CIS D . -7.02 -24.99 1.76
C3 CIS D . -7.19 -25.34 0.49
C2 CIS D . -7.86 -26.65 0.13
O1 CIS D . -9.28 -26.52 0.18
C1 CIS D . -7.42 -26.96 -1.30
C CIS D . -8.07 -28.25 -1.80
O CIS D . -7.75 -29.28 -0.88
C43 CIS D . -8.08 -30.58 -1.39
C44 CIS D . -7.66 -31.61 -0.36
O3 CIS D . -6.24 -31.60 -0.20
O6 CIS D . -9.49 -30.65 -1.61
C47 CIS D . -9.88 -31.90 -2.14
C48 CIS D . -11.36 -31.85 -2.51
O7 CIS D . -11.57 -30.89 -3.55
C46 CIS D . -9.60 -33.00 -1.12
O5 CIS D . -10.38 -32.77 0.06
C45 CIS D . -8.13 -33.01 -0.75
O4 CIS D . -7.90 -33.88 0.35
S CIS D . -8.09 -35.40 0.22
O10 CIS D . -7.74 -35.86 -1.30
O9 CIS D . -7.19 -36.06 1.12
O8 CIS D . -9.44 -35.74 0.55
N CIS D . -5.97 -27.12 -1.31
C18 CIS D . -5.18 -26.43 -2.12
O2 CIS D . -5.62 -25.67 -2.97
C19 CIS D . -3.71 -26.63 -1.95
C20 CIS D . -2.95 -25.43 -2.50
C21 CIS D . -2.92 -24.29 -1.49
C22 CIS D . -2.04 -23.14 -1.96
C23 CIS D . -1.85 -22.13 -0.84
C24 CIS D . -0.90 -21.01 -1.24
C25 CIS D . -1.53 -20.09 -2.27
C26 CIS D . -0.87 -18.71 -2.23
C27 CIS D . -1.39 -17.90 -1.06
C28 CIS D . -2.61 -17.07 -1.44
C29 CIS D . -2.29 -15.58 -1.46
C30 CIS D . -1.46 -15.19 -2.67
C31 CIS D . -2.20 -14.19 -3.54
C32 CIS D . -1.23 -13.51 -4.47
C33 CIS D . -1.35 -13.67 -5.78
C34 CIS D . -0.37 -12.99 -6.71
C35 CIS D . 0.33 -14.04 -7.58
C36 CIS D . 1.52 -14.66 -6.87
C37 CIS D . 2.67 -14.86 -7.85
C38 CIS D . 3.83 -15.61 -7.21
C39 CIS D . 3.42 -17.02 -6.82
C40 CIS D . 4.62 -17.88 -6.49
C41 CIS D . 5.38 -17.34 -5.30
#